data_2PIX
#
_entry.id   2PIX
#
_cell.length_a   56.760
_cell.length_b   66.580
_cell.length_c   71.390
_cell.angle_alpha   90.00
_cell.angle_beta   90.00
_cell.angle_gamma   90.00
#
_symmetry.space_group_name_H-M   'P 21 21 21'
#
loop_
_entity.id
_entity.type
_entity.pdbx_description
1 polymer 'Androgen receptor'
2 non-polymer 5-ALPHA-DIHYDROTESTOSTERONE
3 non-polymer '2-[[3-(TRIFLUOROMETHYL)PHENYL]AMINO] BENZOIC ACID'
4 water water
#
_entity_poly.entity_id   1
_entity_poly.type   'polypeptide(L)'
_entity_poly.pdbx_seq_one_letter_code
;CQPIFLNVLEAIEPGVVCAGHDNNQPDSFAALLSSLNELGERQLVHVVKWAKALPGFRNLHVDDQMAVIQYSWMGLMVFA
MGWRSFTNVNSRMLYFAPDLVFNEYRMHKSRMYSQCVRMRHLSQEFGWLQITPQEFLCMKALLLFSIIPVDGLKNQKFFD
ELRMNYIKELDRIIACKRKNPTSCSRRFYQLTKLLDSVQPIARELHQFTFDLLIKSHMVSVDFPEMMAEIISVQVPKILS
GKVKPIYFHTQ
;
_entity_poly.pdbx_strand_id   A
#
# COMPACT_ATOMS: atom_id res chain seq x y z
N PRO A 3 -23.29 -4.88 5.52
CA PRO A 3 -23.70 -3.80 6.43
C PRO A 3 -23.23 -2.43 5.93
N ILE A 4 -23.47 -1.39 6.73
CA ILE A 4 -23.10 -0.03 6.38
C ILE A 4 -21.61 0.06 6.06
N PHE A 5 -20.77 -0.40 6.98
CA PHE A 5 -19.33 -0.36 6.81
C PHE A 5 -18.88 -0.85 5.45
N LEU A 6 -19.35 -2.03 5.06
CA LEU A 6 -19.00 -2.63 3.78
C LEU A 6 -19.42 -1.81 2.58
N ASN A 7 -20.62 -1.26 2.60
CA ASN A 7 -21.10 -0.44 1.49
C ASN A 7 -20.15 0.72 1.25
N VAL A 8 -19.74 1.35 2.34
CA VAL A 8 -18.82 2.50 2.27
C VAL A 8 -17.52 2.14 1.58
N LEU A 9 -16.81 1.15 2.13
CA LEU A 9 -15.54 0.71 1.55
C LEU A 9 -15.62 0.43 0.06
N GLU A 10 -16.65 -0.32 -0.35
CA GLU A 10 -16.82 -0.67 -1.75
C GLU A 10 -17.24 0.55 -2.57
N ALA A 11 -17.84 1.53 -1.90
CA ALA A 11 -18.30 2.73 -2.57
C ALA A 11 -17.22 3.80 -2.70
N ILE A 12 -16.23 3.76 -1.81
CA ILE A 12 -15.16 4.75 -1.84
C ILE A 12 -13.87 4.17 -2.41
N GLU A 13 -13.96 3.01 -3.03
CA GLU A 13 -12.78 2.35 -3.62
C GLU A 13 -12.35 3.06 -4.90
N PRO A 14 -11.12 3.61 -4.91
CA PRO A 14 -10.57 4.31 -6.07
C PRO A 14 -10.70 3.53 -7.37
N GLY A 15 -10.80 4.24 -8.48
CA GLY A 15 -10.94 3.59 -9.76
C GLY A 15 -9.61 3.49 -10.52
N VAL A 16 -9.67 3.03 -11.76
CA VAL A 16 -8.48 2.88 -12.57
C VAL A 16 -7.68 4.18 -12.61
N VAL A 17 -6.36 4.04 -12.61
CA VAL A 17 -5.46 5.20 -12.64
C VAL A 17 -4.24 4.94 -13.52
N CYS A 18 -4.13 5.68 -14.61
CA CYS A 18 -3.03 5.53 -15.55
C CYS A 18 -1.81 6.31 -15.05
N ALA A 19 -0.63 5.87 -15.47
CA ALA A 19 0.61 6.51 -15.07
C ALA A 19 1.08 7.54 -16.09
N GLY A 20 0.50 7.46 -17.29
CA GLY A 20 0.87 8.40 -18.33
C GLY A 20 2.20 8.07 -18.95
N HIS A 21 2.52 6.78 -19.02
CA HIS A 21 3.78 6.32 -19.59
C HIS A 21 3.70 6.24 -21.11
N ASP A 22 4.73 6.75 -21.77
CA ASP A 22 4.79 6.71 -23.23
C ASP A 22 5.43 5.41 -23.68
N ASN A 23 4.57 4.44 -24.01
CA ASN A 23 5.02 3.12 -24.43
C ASN A 23 5.68 3.09 -25.82
N ASN A 24 5.69 4.23 -26.50
CA ASN A 24 6.29 4.30 -27.83
C ASN A 24 7.81 4.35 -27.75
N GLN A 25 8.32 4.79 -26.60
CA GLN A 25 9.76 4.88 -26.40
C GLN A 25 10.31 3.63 -25.69
N PRO A 26 11.45 3.12 -26.17
CA PRO A 26 12.08 1.93 -25.59
C PRO A 26 12.25 2.07 -24.09
N ASP A 27 12.27 0.94 -23.37
CA ASP A 27 12.43 0.96 -21.92
C ASP A 27 13.80 1.45 -21.48
N SER A 28 13.79 2.30 -20.44
CA SER A 28 15.01 2.84 -19.89
C SER A 28 14.75 3.15 -18.41
N PHE A 29 15.69 2.80 -17.54
CA PHE A 29 15.55 3.04 -16.12
C PHE A 29 14.88 4.38 -15.82
N ALA A 30 15.45 5.43 -16.36
CA ALA A 30 14.92 6.79 -16.15
C ALA A 30 13.43 6.87 -16.43
N ALA A 31 13.03 6.48 -17.64
CA ALA A 31 11.64 6.54 -18.05
C ALA A 31 10.71 5.69 -17.16
N LEU A 32 11.14 4.47 -16.83
CA LEU A 32 10.33 3.59 -16.01
C LEU A 32 10.09 4.12 -14.61
N LEU A 33 11.17 4.50 -13.91
CA LEU A 33 11.05 5.02 -12.56
C LEU A 33 10.37 6.37 -12.52
N SER A 34 10.59 7.18 -13.54
CA SER A 34 9.96 8.50 -13.62
C SER A 34 8.46 8.35 -13.74
N SER A 35 8.03 7.31 -14.47
CA SER A 35 6.60 7.03 -14.65
C SER A 35 6.00 6.55 -13.35
N LEU A 36 6.74 5.70 -12.64
CA LEU A 36 6.28 5.17 -11.36
C LEU A 36 6.09 6.29 -10.35
N ASN A 37 6.99 7.27 -10.38
CA ASN A 37 6.90 8.41 -9.47
C ASN A 37 5.66 9.24 -9.82
N GLU A 38 5.46 9.44 -11.11
CA GLU A 38 4.30 10.21 -11.57
C GLU A 38 3.03 9.46 -11.20
N LEU A 39 3.08 8.15 -11.29
CA LEU A 39 1.94 7.32 -10.95
C LEU A 39 1.70 7.43 -9.44
N GLY A 40 2.80 7.52 -8.69
CA GLY A 40 2.69 7.63 -7.25
C GLY A 40 2.01 8.93 -6.87
N GLU A 41 2.42 10.03 -7.50
CA GLU A 41 1.83 11.33 -7.23
C GLU A 41 0.33 11.26 -7.50
N ARG A 42 -0.03 10.66 -8.62
CA ARG A 42 -1.43 10.52 -9.01
C ARG A 42 -2.18 9.61 -8.04
N GLN A 43 -1.59 8.48 -7.70
CA GLN A 43 -2.18 7.53 -6.78
C GLN A 43 -2.32 8.12 -5.39
N LEU A 44 -1.50 9.11 -5.09
CA LEU A 44 -1.53 9.76 -3.77
C LEU A 44 -2.74 10.67 -3.63
N VAL A 45 -3.13 11.30 -4.73
CA VAL A 45 -4.30 12.19 -4.73
C VAL A 45 -5.56 11.41 -4.41
N HIS A 46 -5.66 10.20 -4.95
CA HIS A 46 -6.82 9.36 -4.70
C HIS A 46 -6.82 8.82 -3.28
N VAL A 47 -5.63 8.53 -2.75
CA VAL A 47 -5.51 8.01 -1.41
C VAL A 47 -5.97 9.05 -0.38
N VAL A 48 -5.60 10.30 -0.62
CA VAL A 48 -5.99 11.39 0.26
C VAL A 48 -7.51 11.49 0.34
N LYS A 49 -8.17 11.51 -0.80
CA LYS A 49 -9.61 11.60 -0.85
C LYS A 49 -10.24 10.32 -0.31
N TRP A 50 -9.67 9.18 -0.70
CA TRP A 50 -10.14 7.89 -0.24
C TRP A 50 -10.13 7.81 1.28
N ALA A 51 -9.08 8.34 1.89
CA ALA A 51 -8.95 8.32 3.34
C ALA A 51 -9.95 9.23 4.04
N LYS A 52 -10.03 10.49 3.58
CA LYS A 52 -10.96 11.45 4.16
C LYS A 52 -12.40 10.94 4.15
N ALA A 53 -12.73 10.08 3.17
CA ALA A 53 -14.06 9.51 3.06
C ALA A 53 -14.18 8.23 3.88
N LEU A 54 -13.12 7.86 4.59
CA LEU A 54 -13.12 6.66 5.42
C LEU A 54 -13.84 6.88 6.75
N PRO A 55 -14.66 5.92 7.17
CA PRO A 55 -15.42 5.98 8.41
C PRO A 55 -14.58 6.27 9.65
N GLY A 56 -14.91 7.35 10.34
CA GLY A 56 -14.18 7.72 11.54
C GLY A 56 -12.83 8.36 11.34
N PHE A 57 -12.33 8.35 10.11
CA PHE A 57 -11.03 8.94 9.83
C PHE A 57 -11.01 10.43 10.15
N ARG A 58 -12.15 11.09 9.90
CA ARG A 58 -12.29 12.53 10.15
C ARG A 58 -12.20 12.88 11.63
N ASN A 59 -12.03 11.88 12.50
CA ASN A 59 -11.91 12.12 13.92
C ASN A 59 -10.48 12.47 14.32
N LEU A 60 -9.51 11.76 13.74
CA LEU A 60 -8.10 12.00 14.03
C LEU A 60 -7.78 13.48 13.84
N HIS A 61 -6.81 13.97 14.60
CA HIS A 61 -6.41 15.37 14.47
C HIS A 61 -5.90 15.60 13.05
N VAL A 62 -6.24 16.73 12.46
CA VAL A 62 -5.84 17.05 11.09
C VAL A 62 -4.39 16.70 10.82
N ASP A 63 -3.54 16.89 11.82
CA ASP A 63 -2.11 16.58 11.66
C ASP A 63 -1.87 15.07 11.56
N ASP A 64 -2.56 14.31 12.39
CA ASP A 64 -2.41 12.86 12.36
C ASP A 64 -3.02 12.28 11.09
N GLN A 65 -3.97 12.99 10.50
CA GLN A 65 -4.61 12.54 9.28
C GLN A 65 -3.61 12.56 8.13
N MET A 66 -2.80 13.61 8.09
CA MET A 66 -1.77 13.76 7.07
C MET A 66 -0.54 12.91 7.36
N ALA A 67 -0.27 12.70 8.64
CA ALA A 67 0.87 11.90 9.06
C ALA A 67 0.71 10.45 8.65
N VAL A 68 -0.38 9.82 9.09
CA VAL A 68 -0.65 8.43 8.76
C VAL A 68 -0.68 8.19 7.26
N ILE A 69 -1.11 9.19 6.51
CA ILE A 69 -1.17 9.10 5.05
C ILE A 69 0.21 9.19 4.44
N GLN A 70 1.07 10.00 5.05
CA GLN A 70 2.44 10.18 4.57
C GLN A 70 3.37 9.08 5.02
N TYR A 71 2.88 8.15 5.84
CA TYR A 71 3.71 7.07 6.33
C TYR A 71 3.34 5.71 5.75
N SER A 72 2.06 5.52 5.40
CA SER A 72 1.62 4.24 4.86
C SER A 72 1.15 4.27 3.42
N TRP A 73 1.46 5.34 2.69
CA TRP A 73 1.06 5.44 1.30
C TRP A 73 1.74 4.36 0.47
N MET A 74 2.92 3.97 0.88
CA MET A 74 3.68 2.94 0.19
C MET A 74 3.04 1.58 0.36
N GLY A 75 2.69 1.25 1.59
CA GLY A 75 2.06 -0.03 1.88
C GLY A 75 0.69 -0.20 1.21
N LEU A 76 -0.08 0.88 1.15
CA LEU A 76 -1.40 0.85 0.54
C LEU A 76 -1.35 0.60 -0.94
N MET A 77 -0.55 1.41 -1.65
CA MET A 77 -0.42 1.28 -3.10
C MET A 77 0.11 -0.07 -3.53
N VAL A 78 1.10 -0.60 -2.80
CA VAL A 78 1.67 -1.90 -3.10
C VAL A 78 0.63 -3.00 -2.95
N PHE A 79 -0.07 -3.00 -1.83
CA PHE A 79 -1.09 -4.00 -1.56
C PHE A 79 -2.17 -3.96 -2.65
N ALA A 80 -2.65 -2.77 -2.97
CA ALA A 80 -3.67 -2.59 -3.99
C ALA A 80 -3.16 -3.07 -5.34
N MET A 81 -1.92 -2.71 -5.66
CA MET A 81 -1.30 -3.10 -6.92
C MET A 81 -1.22 -4.62 -7.02
N GLY A 82 -0.96 -5.27 -5.88
CA GLY A 82 -0.87 -6.72 -5.87
C GLY A 82 -2.22 -7.34 -6.17
N TRP A 83 -3.29 -6.62 -5.82
CA TRP A 83 -4.64 -7.11 -6.06
C TRP A 83 -4.96 -7.02 -7.54
N ARG A 84 -4.63 -5.88 -8.15
CA ARG A 84 -4.88 -5.69 -9.57
C ARG A 84 -4.14 -6.74 -10.39
N SER A 85 -2.89 -7.00 -10.02
CA SER A 85 -2.07 -7.98 -10.72
C SER A 85 -2.71 -9.37 -10.68
N PHE A 86 -3.34 -9.70 -9.56
CA PHE A 86 -3.99 -10.98 -9.38
C PHE A 86 -5.32 -11.07 -10.12
N THR A 87 -6.12 -10.00 -10.05
CA THR A 87 -7.42 -9.97 -10.69
C THR A 87 -7.38 -9.61 -12.17
N ASN A 88 -6.24 -9.08 -12.65
CA ASN A 88 -6.13 -8.69 -14.05
C ASN A 88 -5.28 -9.65 -14.90
N VAL A 89 -4.10 -10.00 -14.41
CA VAL A 89 -3.23 -10.91 -15.15
C VAL A 89 -2.84 -12.16 -14.37
N ASN A 90 -3.62 -12.46 -13.33
CA ASN A 90 -3.39 -13.63 -12.49
C ASN A 90 -1.95 -13.68 -11.94
N SER A 91 -1.46 -12.55 -11.47
CA SER A 91 -0.12 -12.43 -10.90
C SER A 91 1.02 -12.70 -11.87
N ARG A 92 0.70 -12.86 -13.15
CA ARG A 92 1.74 -13.11 -14.16
C ARG A 92 2.71 -11.94 -14.28
N MET A 93 2.21 -10.73 -14.11
CA MET A 93 3.03 -9.52 -14.18
C MET A 93 2.55 -8.48 -13.18
N LEU A 94 3.38 -7.49 -12.92
CA LEU A 94 3.02 -6.42 -11.98
C LEU A 94 2.19 -5.38 -12.71
N TYR A 95 0.91 -5.32 -12.38
CA TYR A 95 0.00 -4.38 -13.01
C TYR A 95 -0.09 -3.06 -12.23
N PHE A 96 0.94 -2.24 -12.35
CA PHE A 96 0.96 -0.95 -11.65
C PHE A 96 -0.14 -0.06 -12.20
N ALA A 97 -0.28 -0.05 -13.52
CA ALA A 97 -1.29 0.74 -14.20
C ALA A 97 -1.52 0.19 -15.60
N PRO A 98 -2.71 0.44 -16.17
CA PRO A 98 -3.05 -0.05 -17.52
C PRO A 98 -1.98 0.30 -18.56
N ASP A 99 -1.31 1.43 -18.37
CA ASP A 99 -0.28 1.87 -19.30
C ASP A 99 1.11 1.73 -18.70
N LEU A 100 1.27 0.84 -17.75
CA LEU A 100 2.56 0.61 -17.10
C LEU A 100 2.63 -0.76 -16.44
N VAL A 101 2.59 -1.81 -17.26
CA VAL A 101 2.64 -3.17 -16.77
C VAL A 101 4.09 -3.67 -16.82
N PHE A 102 4.56 -4.21 -15.71
CA PHE A 102 5.93 -4.72 -15.61
C PHE A 102 6.08 -6.21 -15.89
N ASN A 103 6.95 -6.53 -16.82
CA ASN A 103 7.23 -7.91 -17.18
C ASN A 103 8.63 -8.27 -16.71
N GLU A 104 9.01 -9.54 -16.84
CA GLU A 104 10.33 -10.00 -16.42
C GLU A 104 11.41 -9.00 -16.84
N TYR A 105 11.38 -8.59 -18.10
CA TYR A 105 12.35 -7.66 -18.63
C TYR A 105 12.36 -6.33 -17.87
N ARG A 106 11.23 -5.65 -17.88
CA ARG A 106 11.10 -4.36 -17.19
C ARG A 106 11.50 -4.46 -15.72
N MET A 107 11.25 -5.62 -15.10
CA MET A 107 11.60 -5.82 -13.71
C MET A 107 13.11 -5.73 -13.54
N HIS A 108 13.85 -6.07 -14.59
CA HIS A 108 15.29 -6.02 -14.57
C HIS A 108 15.76 -4.61 -14.91
N LYS A 109 15.11 -4.01 -15.91
CA LYS A 109 15.45 -2.67 -16.37
C LYS A 109 15.17 -1.63 -15.28
N SER A 110 14.27 -1.96 -14.35
CA SER A 110 13.92 -1.05 -13.27
C SER A 110 14.96 -1.01 -12.16
N ARG A 111 15.99 -1.86 -12.27
CA ARG A 111 17.05 -1.91 -11.28
C ARG A 111 16.50 -2.25 -9.89
N MET A 112 15.47 -3.06 -9.86
CA MET A 112 14.83 -3.48 -8.61
C MET A 112 14.06 -4.78 -8.84
N TYR A 113 14.77 -5.78 -9.36
CA TYR A 113 14.19 -7.07 -9.64
C TYR A 113 13.80 -7.84 -8.38
N SER A 114 14.69 -7.83 -7.39
CA SER A 114 14.43 -8.53 -6.14
C SER A 114 13.16 -8.04 -5.48
N GLN A 115 13.01 -6.72 -5.39
CA GLN A 115 11.82 -6.13 -4.77
C GLN A 115 10.54 -6.49 -5.52
N CYS A 116 10.62 -6.54 -6.85
CA CYS A 116 9.46 -6.89 -7.66
C CYS A 116 9.03 -8.33 -7.38
N VAL A 117 10.01 -9.21 -7.19
CA VAL A 117 9.73 -10.61 -6.91
C VAL A 117 8.83 -10.73 -5.68
N ARG A 118 9.17 -10.00 -4.62
CA ARG A 118 8.38 -10.03 -3.40
C ARG A 118 6.99 -9.46 -3.65
N MET A 119 6.89 -8.49 -4.55
CA MET A 119 5.60 -7.89 -4.86
C MET A 119 4.75 -8.88 -5.66
N ARG A 120 5.38 -9.56 -6.62
CA ARG A 120 4.67 -10.54 -7.43
C ARG A 120 4.34 -11.72 -6.53
N HIS A 121 4.97 -11.77 -5.37
CA HIS A 121 4.74 -12.83 -4.41
C HIS A 121 3.51 -12.48 -3.58
N LEU A 122 3.41 -11.21 -3.18
CA LEU A 122 2.26 -10.72 -2.42
C LEU A 122 1.03 -10.86 -3.31
N SER A 123 1.20 -10.56 -4.58
CA SER A 123 0.13 -10.64 -5.56
C SER A 123 -0.41 -12.07 -5.69
N GLN A 124 0.48 -13.05 -5.57
CA GLN A 124 0.10 -14.45 -5.67
C GLN A 124 -0.59 -14.92 -4.40
N GLU A 125 -0.27 -14.30 -3.26
CA GLU A 125 -0.87 -14.68 -2.00
C GLU A 125 -2.39 -14.49 -2.06
N PHE A 126 -2.84 -13.47 -2.78
CA PHE A 126 -4.25 -13.19 -2.91
C PHE A 126 -4.96 -14.40 -3.54
N GLY A 127 -4.20 -15.16 -4.32
CA GLY A 127 -4.77 -16.34 -4.96
C GLY A 127 -4.61 -17.60 -4.13
N TRP A 128 -3.40 -17.84 -3.64
CA TRP A 128 -3.14 -19.02 -2.82
C TRP A 128 -4.06 -19.08 -1.62
N LEU A 129 -4.40 -17.92 -1.06
CA LEU A 129 -5.27 -17.85 0.09
C LEU A 129 -6.72 -17.63 -0.30
N GLN A 130 -6.96 -17.38 -1.58
CA GLN A 130 -8.31 -17.14 -2.07
C GLN A 130 -8.98 -15.98 -1.33
N ILE A 131 -8.32 -14.83 -1.34
CA ILE A 131 -8.84 -13.64 -0.67
C ILE A 131 -10.08 -13.13 -1.39
N THR A 132 -11.10 -12.74 -0.63
CA THR A 132 -12.33 -12.23 -1.21
C THR A 132 -12.29 -10.70 -1.28
N PRO A 133 -13.08 -10.10 -2.18
CA PRO A 133 -13.13 -8.65 -2.32
C PRO A 133 -13.38 -7.93 -0.99
N GLN A 134 -14.27 -8.49 -0.17
CA GLN A 134 -14.60 -7.90 1.10
C GLN A 134 -13.41 -7.93 2.05
N GLU A 135 -12.63 -9.02 1.97
CA GLU A 135 -11.46 -9.18 2.81
C GLU A 135 -10.35 -8.24 2.36
N PHE A 136 -10.21 -8.07 1.05
CA PHE A 136 -9.20 -7.20 0.48
C PHE A 136 -9.42 -5.76 0.91
N LEU A 137 -10.63 -5.24 0.68
CA LEU A 137 -10.98 -3.89 1.04
C LEU A 137 -10.76 -3.60 2.51
N CYS A 138 -11.16 -4.52 3.37
CA CYS A 138 -11.03 -4.34 4.81
C CYS A 138 -9.56 -4.35 5.25
N MET A 139 -8.74 -5.16 4.59
CA MET A 139 -7.33 -5.24 4.92
C MET A 139 -6.57 -4.00 4.49
N LYS A 140 -6.91 -3.47 3.32
CA LYS A 140 -6.25 -2.29 2.80
C LYS A 140 -6.45 -1.09 3.72
N ALA A 141 -7.67 -0.92 4.21
CA ALA A 141 -7.98 0.17 5.12
C ALA A 141 -7.17 0.04 6.39
N LEU A 142 -7.03 -1.19 6.86
CA LEU A 142 -6.27 -1.47 8.08
C LEU A 142 -4.81 -1.14 7.90
N LEU A 143 -4.35 -1.13 6.65
CA LEU A 143 -2.96 -0.80 6.33
C LEU A 143 -2.71 0.68 6.55
N LEU A 144 -3.78 1.47 6.46
CA LEU A 144 -3.69 2.91 6.67
C LEU A 144 -3.33 3.20 8.13
N PHE A 145 -3.75 2.30 9.02
CA PHE A 145 -3.49 2.42 10.44
C PHE A 145 -2.50 1.34 10.87
N SER A 146 -1.42 1.18 10.09
CA SER A 146 -0.42 0.17 10.39
C SER A 146 0.98 0.72 10.61
N ILE A 147 1.12 2.05 10.61
CA ILE A 147 2.43 2.65 10.82
C ILE A 147 2.35 4.03 11.45
N ILE A 148 2.98 4.18 12.60
CA ILE A 148 2.98 5.44 13.34
C ILE A 148 4.31 5.65 14.06
N PRO A 149 4.65 6.89 14.43
CA PRO A 149 5.90 7.18 15.13
C PRO A 149 5.97 6.53 16.49
N VAL A 150 7.16 6.13 16.89
CA VAL A 150 7.36 5.47 18.20
C VAL A 150 6.80 6.29 19.36
N ASP A 151 6.88 7.61 19.25
CA ASP A 151 6.37 8.48 20.32
C ASP A 151 4.88 8.77 20.15
N GLY A 152 4.17 7.89 19.48
CA GLY A 152 2.75 8.07 19.28
C GLY A 152 2.36 9.31 18.50
N LEU A 153 1.07 9.44 18.22
CA LEU A 153 0.54 10.57 17.47
C LEU A 153 0.03 11.67 18.39
N LYS A 154 -0.57 12.70 17.80
CA LYS A 154 -1.12 13.82 18.54
C LYS A 154 -2.15 13.30 19.55
N ASN A 155 -3.03 12.42 19.08
CA ASN A 155 -4.06 11.83 19.92
C ASN A 155 -4.06 10.32 19.74
N GLN A 156 -3.08 9.65 20.34
CA GLN A 156 -2.96 8.21 20.25
C GLN A 156 -4.22 7.45 20.64
N LYS A 157 -4.89 7.89 21.69
CA LYS A 157 -6.13 7.25 22.14
C LYS A 157 -7.09 7.08 20.98
N PHE A 158 -7.37 8.17 20.28
CA PHE A 158 -8.28 8.15 19.14
C PHE A 158 -7.83 7.20 18.04
N PHE A 159 -6.53 7.13 17.80
CA PHE A 159 -5.99 6.26 16.76
C PHE A 159 -6.12 4.79 17.13
N ASP A 160 -5.86 4.47 18.40
CA ASP A 160 -5.96 3.08 18.86
C ASP A 160 -7.38 2.53 18.71
N GLU A 161 -8.35 3.33 19.13
CA GLU A 161 -9.74 2.93 19.05
C GLU A 161 -10.17 2.82 17.58
N LEU A 162 -9.64 3.73 16.75
CA LEU A 162 -9.97 3.73 15.33
C LEU A 162 -9.43 2.48 14.67
N ARG A 163 -8.22 2.07 15.07
CA ARG A 163 -7.60 0.87 14.52
C ARG A 163 -8.32 -0.37 15.07
N MET A 164 -8.64 -0.32 16.36
CA MET A 164 -9.33 -1.41 17.02
C MET A 164 -10.65 -1.74 16.35
N ASN A 165 -11.41 -0.71 15.99
CA ASN A 165 -12.70 -0.89 15.36
C ASN A 165 -12.62 -1.47 13.94
N TYR A 166 -11.60 -1.09 13.19
CA TYR A 166 -11.44 -1.62 11.84
C TYR A 166 -11.04 -3.08 11.90
N ILE A 167 -10.35 -3.46 12.97
CA ILE A 167 -9.93 -4.84 13.17
C ILE A 167 -11.17 -5.67 13.48
N LYS A 168 -12.15 -5.05 14.14
CA LYS A 168 -13.38 -5.73 14.47
C LYS A 168 -14.18 -6.00 13.21
N GLU A 169 -14.17 -5.04 12.28
CA GLU A 169 -14.87 -5.18 11.03
C GLU A 169 -14.33 -6.37 10.23
N LEU A 170 -13.03 -6.57 10.32
CA LEU A 170 -12.39 -7.68 9.61
C LEU A 170 -12.90 -9.01 10.16
N ASP A 171 -13.10 -9.06 11.47
CA ASP A 171 -13.60 -10.25 12.12
C ASP A 171 -14.98 -10.57 11.61
N ARG A 172 -15.86 -9.57 11.65
CA ARG A 172 -17.22 -9.77 11.19
C ARG A 172 -17.25 -10.23 9.75
N ILE A 173 -16.40 -9.64 8.92
CA ILE A 173 -16.36 -10.04 7.53
C ILE A 173 -15.98 -11.52 7.48
N ILE A 174 -15.01 -11.90 8.30
CA ILE A 174 -14.56 -13.29 8.36
C ILE A 174 -15.62 -14.20 8.97
N ALA A 175 -16.38 -13.68 9.94
CA ALA A 175 -17.41 -14.45 10.60
C ALA A 175 -18.74 -14.45 9.85
N CYS A 176 -18.70 -14.11 8.56
CA CYS A 176 -19.91 -14.07 7.75
C CYS A 176 -19.85 -15.04 6.57
N LYS A 177 -19.23 -16.20 6.79
CA LYS A 177 -19.12 -17.21 5.74
C LYS A 177 -18.54 -18.52 6.29
N ARG A 178 -18.10 -18.49 7.54
CA ARG A 178 -17.53 -19.69 8.16
C ARG A 178 -18.61 -20.55 8.79
N LYS A 179 -18.19 -21.66 9.39
CA LYS A 179 -19.13 -22.57 10.02
C LYS A 179 -18.63 -22.95 11.42
N ASN A 180 -17.43 -23.52 11.47
CA ASN A 180 -16.83 -23.92 12.74
C ASN A 180 -15.61 -23.06 13.07
N PRO A 181 -15.24 -22.99 14.36
CA PRO A 181 -14.09 -22.18 14.81
C PRO A 181 -12.73 -22.72 14.34
N THR A 182 -12.70 -24.00 13.98
CA THR A 182 -11.46 -24.64 13.52
C THR A 182 -10.85 -23.85 12.37
N SER A 183 -11.68 -23.28 11.51
CA SER A 183 -11.22 -22.51 10.36
C SER A 183 -11.37 -21.01 10.59
N CYS A 184 -12.35 -20.64 11.42
CA CYS A 184 -12.62 -19.24 11.71
C CYS A 184 -11.40 -18.57 12.32
N SER A 185 -11.13 -18.87 13.59
CA SER A 185 -9.99 -18.29 14.29
C SER A 185 -8.70 -18.54 13.53
N ARG A 186 -8.75 -19.45 12.57
CA ARG A 186 -7.58 -19.78 11.76
C ARG A 186 -7.41 -18.80 10.60
N ARG A 187 -8.53 -18.48 9.95
CA ARG A 187 -8.53 -17.55 8.83
C ARG A 187 -7.94 -16.21 9.25
N PHE A 188 -8.20 -15.82 10.51
CA PHE A 188 -7.69 -14.56 11.03
C PHE A 188 -6.17 -14.58 11.02
N TYR A 189 -5.60 -15.75 11.36
CA TYR A 189 -4.16 -15.91 11.40
C TYR A 189 -3.54 -15.72 10.03
N GLN A 190 -4.21 -16.21 9.00
CA GLN A 190 -3.73 -16.10 7.63
C GLN A 190 -3.66 -14.66 7.15
N LEU A 191 -4.76 -13.91 7.32
CA LEU A 191 -4.82 -12.54 6.90
C LEU A 191 -3.85 -11.64 7.68
N THR A 192 -3.78 -11.84 8.98
CA THR A 192 -2.88 -11.05 9.82
C THR A 192 -1.46 -11.23 9.34
N LYS A 193 -1.15 -12.42 8.85
CA LYS A 193 0.18 -12.73 8.34
C LYS A 193 0.41 -11.98 7.02
N LEU A 194 -0.58 -12.06 6.13
CA LEU A 194 -0.50 -11.40 4.84
C LEU A 194 -0.24 -9.91 5.02
N LEU A 195 -0.98 -9.30 5.94
CA LEU A 195 -0.82 -7.86 6.21
C LEU A 195 0.60 -7.53 6.67
N ASP A 196 1.14 -8.39 7.54
CA ASP A 196 2.49 -8.18 8.04
C ASP A 196 3.55 -8.35 6.97
N SER A 197 3.32 -9.27 6.04
CA SER A 197 4.28 -9.50 4.97
C SER A 197 4.42 -8.28 4.08
N VAL A 198 3.45 -7.38 4.17
CA VAL A 198 3.46 -6.16 3.37
C VAL A 198 4.48 -5.15 3.87
N GLN A 199 4.63 -5.06 5.20
CA GLN A 199 5.57 -4.12 5.80
C GLN A 199 7.00 -4.28 5.29
N PRO A 200 7.55 -5.52 5.34
CA PRO A 200 8.91 -5.75 4.87
C PRO A 200 9.11 -5.22 3.44
N ILE A 201 8.21 -5.59 2.54
CA ILE A 201 8.26 -5.16 1.16
C ILE A 201 8.27 -3.63 1.10
N ALA A 202 7.33 -3.01 1.80
CA ALA A 202 7.20 -1.56 1.83
C ALA A 202 8.49 -0.90 2.28
N ARG A 203 9.16 -1.49 3.26
CA ARG A 203 10.40 -0.91 3.78
C ARG A 203 11.52 -0.96 2.76
N GLU A 204 11.53 -2.01 1.93
CA GLU A 204 12.56 -2.14 0.91
C GLU A 204 12.39 -1.05 -0.14
N LEU A 205 11.14 -0.81 -0.53
CA LEU A 205 10.83 0.21 -1.52
C LEU A 205 11.16 1.60 -0.97
N HIS A 206 10.89 1.79 0.32
CA HIS A 206 11.17 3.06 0.98
C HIS A 206 12.65 3.39 0.85
N GLN A 207 13.49 2.40 1.12
CA GLN A 207 14.93 2.56 1.04
C GLN A 207 15.35 2.89 -0.37
N PHE A 208 14.76 2.20 -1.32
CA PHE A 208 15.06 2.37 -2.75
C PHE A 208 14.68 3.76 -3.27
N THR A 209 13.46 4.19 -3.00
CA THR A 209 13.01 5.50 -3.46
C THR A 209 13.90 6.59 -2.86
N PHE A 210 14.30 6.38 -1.61
CA PHE A 210 15.14 7.33 -0.91
C PHE A 210 16.45 7.53 -1.67
N ASP A 211 17.20 6.45 -1.82
CA ASP A 211 18.47 6.51 -2.53
C ASP A 211 18.29 7.08 -3.94
N LEU A 212 17.24 6.64 -4.63
CA LEU A 212 16.96 7.12 -5.96
C LEU A 212 16.75 8.63 -5.98
N LEU A 213 16.17 9.15 -4.92
CA LEU A 213 15.90 10.58 -4.80
C LEU A 213 17.20 11.32 -4.57
N ILE A 214 18.10 10.73 -3.79
CA ILE A 214 19.38 11.33 -3.47
C ILE A 214 20.22 11.57 -4.73
N LYS A 215 20.21 10.60 -5.64
CA LYS A 215 20.96 10.70 -6.88
C LYS A 215 20.03 10.72 -8.08
N SER A 216 18.90 11.40 -7.92
CA SER A 216 17.89 11.51 -8.96
C SER A 216 18.38 12.31 -10.16
N HIS A 217 19.17 13.34 -9.89
CA HIS A 217 19.70 14.20 -10.97
C HIS A 217 20.77 13.50 -11.80
N MET A 218 21.56 12.64 -11.17
CA MET A 218 22.61 11.93 -11.86
C MET A 218 22.08 10.82 -12.76
N VAL A 219 20.91 10.30 -12.42
CA VAL A 219 20.29 9.22 -13.20
C VAL A 219 19.14 9.76 -14.03
N SER A 220 18.93 11.08 -13.97
CA SER A 220 17.88 11.74 -14.72
C SER A 220 16.49 11.15 -14.46
N VAL A 221 16.12 11.06 -13.19
CA VAL A 221 14.82 10.53 -12.80
C VAL A 221 14.00 11.64 -12.15
N ASP A 222 12.88 11.98 -12.77
CA ASP A 222 12.01 13.05 -12.26
C ASP A 222 11.19 12.64 -11.04
N PHE A 223 11.12 13.54 -10.06
CA PHE A 223 10.37 13.32 -8.85
C PHE A 223 9.36 14.42 -8.64
N PRO A 224 8.05 14.10 -8.72
CA PRO A 224 7.00 15.09 -8.52
C PRO A 224 7.19 15.87 -7.22
N GLU A 225 6.67 17.09 -7.18
CA GLU A 225 6.80 17.95 -6.01
C GLU A 225 6.46 17.21 -4.71
N MET A 226 5.21 16.80 -4.58
CA MET A 226 4.73 16.10 -3.40
C MET A 226 5.58 14.89 -3.06
N MET A 227 5.83 14.04 -4.06
CA MET A 227 6.63 12.84 -3.87
C MET A 227 8.01 13.19 -3.32
N ALA A 228 8.55 14.31 -3.76
CA ALA A 228 9.87 14.75 -3.34
C ALA A 228 9.92 15.20 -1.88
N GLU A 229 8.84 15.84 -1.42
CA GLU A 229 8.78 16.32 -0.05
C GLU A 229 8.56 15.21 0.95
N ILE A 230 7.67 14.28 0.61
CA ILE A 230 7.35 13.16 1.49
C ILE A 230 8.49 12.16 1.61
N ILE A 231 9.16 11.89 0.49
CA ILE A 231 10.27 10.96 0.48
C ILE A 231 11.53 11.51 1.15
N SER A 232 11.57 12.83 1.33
CA SER A 232 12.73 13.46 1.95
C SER A 232 12.46 13.93 3.37
N VAL A 233 11.19 14.12 3.71
CA VAL A 233 10.83 14.56 5.05
C VAL A 233 10.16 13.45 5.87
N GLN A 234 9.18 12.79 5.28
CA GLN A 234 8.46 11.73 5.99
C GLN A 234 9.25 10.42 5.99
N VAL A 235 9.56 9.91 4.79
CA VAL A 235 10.29 8.65 4.64
C VAL A 235 11.51 8.51 5.54
N PRO A 236 12.42 9.49 5.53
CA PRO A 236 13.62 9.44 6.36
C PRO A 236 13.35 9.06 7.83
N LYS A 237 12.20 9.48 8.35
CA LYS A 237 11.83 9.19 9.73
C LYS A 237 11.58 7.69 9.93
N ILE A 238 11.19 7.04 8.86
CA ILE A 238 10.92 5.60 8.91
C ILE A 238 12.23 4.79 8.87
N LEU A 239 13.11 5.16 7.93
CA LEU A 239 14.39 4.48 7.78
C LEU A 239 15.33 4.80 8.94
N SER A 240 15.02 5.85 9.71
CA SER A 240 15.83 6.24 10.85
C SER A 240 15.36 5.56 12.13
N GLY A 241 14.15 4.99 12.10
CA GLY A 241 13.63 4.33 13.27
C GLY A 241 12.58 5.12 14.03
N LYS A 242 12.42 6.40 13.67
CA LYS A 242 11.43 7.24 14.33
C LYS A 242 10.02 6.73 14.12
N VAL A 243 9.72 6.23 12.93
CA VAL A 243 8.43 5.71 12.60
C VAL A 243 8.53 4.23 12.27
N LYS A 244 7.86 3.40 13.05
CA LYS A 244 7.89 1.96 12.86
C LYS A 244 6.49 1.38 12.59
N PRO A 245 6.39 0.38 11.71
CA PRO A 245 5.11 -0.27 11.38
C PRO A 245 4.55 -1.02 12.56
N ILE A 246 3.28 -1.41 12.46
CA ILE A 246 2.61 -2.16 13.53
C ILE A 246 2.34 -3.60 13.10
N TYR A 247 3.18 -4.51 13.57
CA TYR A 247 3.03 -5.92 13.24
C TYR A 247 2.07 -6.62 14.20
N PHE A 248 1.38 -7.64 13.70
CA PHE A 248 0.47 -8.41 14.52
C PHE A 248 1.29 -9.47 15.25
N HIS A 249 2.18 -10.12 14.51
CA HIS A 249 3.04 -11.16 15.01
C HIS A 249 4.47 -10.65 15.12
N THR A 250 5.34 -11.42 15.78
CA THR A 250 6.73 -11.03 15.94
C THR A 250 7.64 -11.88 15.07
#